data_1XA7
#
_entry.id   1XA7
#
_cell.length_a   88.386
_cell.length_b   88.386
_cell.length_c   125.060
_cell.angle_alpha   90.00
_cell.angle_beta   90.00
_cell.angle_gamma   90.00
#
_symmetry.space_group_name_H-M   'P 43 21 2'
#
loop_
_entity.id
_entity.type
_entity.pdbx_description
1 polymer 'Regulatory protein BlaR1'
2 non-polymer 'OPEN FORM - PENICILLIN G'
3 water water
#
_entity_poly.entity_id   1
_entity_poly.type   'polypeptide(L)'
_entity_poly.pdbx_seq_one_letter_code
;GQSITDYNYKKPLHNDYQILDKSKIFGSNSGSFV(MSE)YS(MSE)KKDKYYIYNEKESRKRYSPNSTYKIYLA(MSE)F
GLDRHIINDENSR(MSE)SWNHKHYPFDAWNKEQDLNTA(MSE)QNSVNWYFERISDQIPKNYTATQLKQLNYGNKNLGS
YKSYW(MSE)EDSLKISNLEQVIVFKN(MSE)(MSE)EQNNHFSKKAKNQLSSSLLIKKNEKYELYGKTGTGIVNGKYNN
GWFVGYVITNHDKYYFATHLSDGKPSGKNAELISEKILKE(MSE)GVLNGQ
;
_entity_poly.pdbx_strand_id   A,B
#
# COMPACT_ATOMS: atom_id res chain seq x y z
N ILE A 4 2.43 -16.52 4.36
CA ILE A 4 3.81 -16.92 4.90
C ILE A 4 3.68 -17.89 6.07
N THR A 5 2.68 -17.57 6.91
CA THR A 5 2.25 -18.36 8.05
C THR A 5 1.22 -19.37 7.62
N ASP A 6 0.74 -19.19 6.38
CA ASP A 6 -0.24 -20.12 5.80
C ASP A 6 0.45 -21.44 5.56
N TYR A 7 -0.27 -22.48 5.91
CA TYR A 7 0.27 -23.82 5.79
C TYR A 7 -0.91 -24.70 5.61
N ASN A 8 -0.64 -25.84 5.03
CA ASN A 8 -1.67 -26.82 4.80
C ASN A 8 -1.83 -27.74 6.01
N TYR A 9 -3.01 -28.31 6.12
CA TYR A 9 -3.42 -29.06 7.28
C TYR A 9 -2.54 -30.27 7.45
N LYS A 10 -1.79 -30.23 8.55
CA LYS A 10 -0.83 -31.24 9.00
C LYS A 10 -1.40 -32.49 9.66
N LYS A 11 -2.21 -32.31 10.71
CA LYS A 11 -2.59 -33.40 11.60
C LYS A 11 -3.15 -34.63 10.84
N PRO A 12 -2.37 -35.71 10.79
CA PRO A 12 -2.84 -37.00 10.25
C PRO A 12 -4.05 -37.59 11.03
N LEU A 13 -4.86 -38.44 10.41
CA LEU A 13 -5.91 -39.16 11.15
C LEU A 13 -5.44 -40.55 11.66
N GLN A 18 -9.54 -44.75 4.83
CA GLN A 18 -9.99 -45.26 3.51
C GLN A 18 -10.13 -44.15 2.45
N ILE A 19 -9.60 -44.35 1.23
CA ILE A 19 -9.82 -43.33 0.18
C ILE A 19 -10.44 -43.81 -1.13
N LEU A 20 -10.84 -42.80 -1.92
CA LEU A 20 -11.87 -42.86 -2.96
C LEU A 20 -11.41 -42.23 -4.27
N ASP A 21 -12.06 -42.68 -5.35
CA ASP A 21 -11.85 -42.16 -6.69
C ASP A 21 -13.16 -41.69 -7.28
N LYS A 22 -13.37 -40.38 -7.23
CA LYS A 22 -14.56 -39.74 -7.80
C LYS A 22 -14.18 -38.80 -8.95
N SER A 23 -12.95 -38.93 -9.45
CA SER A 23 -12.44 -38.26 -10.66
C SER A 23 -13.35 -38.00 -11.86
N LYS A 24 -14.37 -38.83 -12.05
CA LYS A 24 -15.24 -38.73 -13.21
C LYS A 24 -16.51 -37.96 -12.89
N ILE A 25 -16.98 -38.02 -11.67
CA ILE A 25 -18.03 -37.10 -11.25
C ILE A 25 -17.55 -35.66 -11.30
N PHE A 26 -16.31 -35.43 -10.87
CA PHE A 26 -15.73 -34.09 -10.87
C PHE A 26 -15.55 -33.62 -12.32
N GLY A 27 -15.22 -34.55 -13.23
CA GLY A 27 -14.99 -34.22 -14.63
C GLY A 27 -14.00 -33.10 -14.89
N SER A 28 -14.48 -32.00 -15.49
CA SER A 28 -13.61 -30.86 -15.89
C SER A 28 -13.46 -29.80 -14.77
N ASN A 29 -13.87 -30.16 -13.56
CA ASN A 29 -13.58 -29.41 -12.34
C ASN A 29 -12.52 -30.15 -11.49
N SER A 30 -11.81 -29.40 -10.65
CA SER A 30 -10.79 -29.95 -9.77
C SER A 30 -10.98 -29.49 -8.34
N GLY A 31 -10.59 -30.33 -7.37
CA GLY A 31 -10.83 -30.08 -5.94
C GLY A 31 -10.93 -31.38 -5.14
N SER A 32 -11.62 -31.41 -4.01
CA SER A 32 -11.72 -32.63 -3.23
C SER A 32 -13.09 -32.97 -2.65
N PHE A 33 -13.14 -34.12 -2.00
CA PHE A 33 -14.34 -34.56 -1.30
C PHE A 33 -13.89 -35.18 0.03
N VAL A 34 -14.63 -34.97 1.11
CA VAL A 34 -14.35 -35.66 2.35
C VAL A 34 -15.64 -36.09 2.99
N TYR A 36 -17.30 -38.54 6.61
CA TYR A 36 -17.06 -39.18 7.91
C TYR A 36 -18.32 -39.90 8.39
N SER A 37 -18.15 -41.18 8.74
CA SER A 37 -19.25 -42.01 9.24
C SER A 37 -19.19 -41.97 10.73
N LYS A 39 -21.12 -43.81 12.83
CA LYS A 39 -21.30 -45.19 13.29
C LYS A 39 -20.01 -45.99 13.21
N LYS A 40 -19.28 -45.80 12.11
CA LYS A 40 -18.03 -46.50 11.84
C LYS A 40 -16.78 -45.70 12.25
N ASP A 41 -16.94 -44.44 12.60
CA ASP A 41 -15.79 -43.60 13.01
C ASP A 41 -14.62 -43.68 12.02
N LYS A 42 -14.91 -43.41 10.76
CA LYS A 42 -13.88 -43.41 9.73
C LYS A 42 -14.10 -42.26 8.73
N TYR A 43 -12.99 -41.85 8.12
CA TYR A 43 -12.98 -40.88 7.05
C TYR A 43 -12.85 -41.57 5.71
N TYR A 44 -13.50 -40.98 4.71
CA TYR A 44 -13.40 -41.37 3.32
C TYR A 44 -13.03 -40.10 2.54
N ILE A 45 -11.92 -40.12 1.81
CA ILE A 45 -11.49 -38.94 1.10
C ILE A 45 -11.08 -39.21 -0.37
N TYR A 46 -11.58 -38.35 -1.26
CA TYR A 46 -11.13 -38.23 -2.65
C TYR A 46 -10.15 -37.06 -2.71
N ASN A 47 -8.95 -37.29 -3.25
CA ASN A 47 -7.89 -36.25 -3.38
C ASN A 47 -7.26 -35.82 -2.04
N GLU A 48 -6.59 -36.73 -1.35
CA GLU A 48 -6.09 -36.43 0.00
C GLU A 48 -5.31 -35.12 0.05
N LYS A 49 -4.48 -34.86 -0.96
CA LYS A 49 -3.59 -33.70 -0.94
C LYS A 49 -4.36 -32.43 -1.10
N GLU A 50 -5.34 -32.41 -2.00
CA GLU A 50 -6.05 -31.18 -2.22
C GLU A 50 -6.95 -30.92 -0.99
N SER A 51 -7.65 -31.94 -0.51
CA SER A 51 -8.36 -31.90 0.76
C SER A 51 -7.64 -31.24 1.96
N ARG A 52 -6.32 -31.16 1.91
CA ARG A 52 -5.49 -30.55 2.98
C ARG A 52 -5.03 -29.12 2.71
N LYS A 53 -5.34 -28.60 1.52
CA LYS A 53 -5.01 -27.21 1.18
C LYS A 53 -6.00 -26.23 1.82
N ARG A 54 -5.48 -25.13 2.36
CA ARG A 54 -6.31 -24.11 2.99
C ARG A 54 -6.79 -23.07 2.02
N TYR A 55 -8.12 -22.93 1.96
CA TYR A 55 -8.81 -21.90 1.26
C TYR A 55 -9.76 -21.16 2.19
N SER A 56 -10.19 -19.97 1.76
CA SER A 56 -11.11 -19.17 2.52
C SER A 56 -12.46 -19.89 2.53
N PRO A 57 -13.20 -19.87 3.63
CA PRO A 57 -14.44 -20.64 3.73
C PRO A 57 -15.61 -19.88 3.13
N ASN A 58 -15.36 -18.63 2.78
CA ASN A 58 -16.41 -17.68 2.45
C ASN A 58 -17.75 -17.99 3.15
N SER A 59 -18.86 -18.21 2.42
CA SER A 59 -20.18 -18.29 3.04
C SER A 59 -20.38 -19.52 3.87
N THR A 60 -19.60 -20.60 3.76
CA THR A 60 -19.67 -21.68 4.74
C THR A 60 -19.36 -21.24 6.18
N TYR A 61 -18.74 -20.07 6.37
CA TYR A 61 -18.43 -19.65 7.71
C TYR A 61 -19.69 -19.09 8.39
N LYS A 62 -20.75 -18.87 7.63
CA LYS A 62 -22.00 -18.46 8.19
C LYS A 62 -22.49 -19.47 9.22
N ILE A 63 -22.17 -20.74 9.02
CA ILE A 63 -22.41 -21.77 10.01
C ILE A 63 -21.89 -21.33 11.37
N TYR A 64 -20.65 -20.87 11.41
CA TYR A 64 -20.05 -20.52 12.66
C TYR A 64 -20.53 -19.18 13.14
N LEU A 65 -20.90 -18.30 12.19
CA LEU A 65 -21.39 -16.95 12.57
C LEU A 65 -22.76 -17.04 13.27
N ALA A 66 -23.60 -17.92 12.73
CA ALA A 66 -24.90 -18.28 13.28
C ALA A 66 -24.79 -18.91 14.68
N PHE A 68 -22.27 -18.58 16.73
CA PHE A 68 -21.77 -17.62 17.72
C PHE A 68 -22.84 -16.64 18.07
N GLY A 69 -23.76 -16.44 17.12
CA GLY A 69 -24.80 -15.45 17.20
C GLY A 69 -25.81 -15.90 18.21
N LEU A 70 -26.06 -17.21 18.21
CA LEU A 70 -26.98 -17.83 19.14
C LEU A 70 -26.38 -18.00 20.52
N ASP A 71 -25.06 -18.19 20.57
CA ASP A 71 -24.35 -18.42 21.84
C ASP A 71 -24.28 -17.15 22.69
N ARG A 72 -23.86 -16.05 22.04
CA ARG A 72 -23.74 -14.71 22.61
C ARG A 72 -25.08 -14.03 22.68
N HIS A 73 -26.11 -14.74 22.24
CA HIS A 73 -27.49 -14.28 22.29
C HIS A 73 -27.88 -13.18 21.27
N ILE A 74 -26.92 -12.70 20.46
CA ILE A 74 -27.10 -11.63 19.43
C ILE A 74 -28.37 -11.83 18.62
N ILE A 75 -28.71 -13.08 18.43
CA ILE A 75 -29.94 -13.49 17.77
C ILE A 75 -30.37 -14.68 18.59
N ASN A 76 -31.61 -15.14 18.39
CA ASN A 76 -32.16 -16.13 19.31
C ASN A 76 -33.35 -16.90 18.68
N ASP A 77 -34.02 -17.73 19.49
CA ASP A 77 -35.19 -18.52 19.03
C ASP A 77 -36.21 -17.63 18.29
N GLU A 78 -36.64 -16.56 18.97
CA GLU A 78 -37.78 -15.74 18.55
C GLU A 78 -37.38 -14.57 17.67
N ASN A 79 -36.17 -14.08 17.90
CA ASN A 79 -35.71 -12.84 17.31
C ASN A 79 -34.40 -13.13 16.66
N SER A 80 -34.44 -13.97 15.62
CA SER A 80 -33.35 -14.04 14.65
C SER A 80 -33.51 -12.86 13.68
N ARG A 81 -34.53 -12.03 13.89
CA ARG A 81 -34.83 -10.87 13.04
C ARG A 81 -33.62 -9.93 12.90
N SER A 83 -33.48 -5.91 10.44
CA SER A 83 -34.17 -5.24 9.35
C SER A 83 -33.27 -5.07 8.12
N TRP A 84 -33.93 -4.82 6.97
CA TRP A 84 -33.23 -4.51 5.73
C TRP A 84 -32.82 -3.04 5.84
N ASN A 85 -31.62 -2.72 5.34
CA ASN A 85 -31.16 -1.34 5.34
C ASN A 85 -31.56 -0.65 4.03
N HIS A 86 -32.55 -1.23 3.34
CA HIS A 86 -33.12 -0.69 2.13
C HIS A 86 -32.05 -0.34 1.11
N LYS A 87 -30.96 -1.11 1.11
CA LYS A 87 -29.91 -0.99 0.09
C LYS A 87 -30.14 -2.10 -0.96
N HIS A 88 -30.25 -1.72 -2.23
CA HIS A 88 -30.54 -2.68 -3.29
C HIS A 88 -29.33 -3.58 -3.59
N TYR A 89 -29.44 -4.83 -3.15
CA TYR A 89 -28.52 -5.87 -3.54
C TYR A 89 -29.11 -6.58 -4.80
N PRO A 90 -28.25 -7.21 -5.60
CA PRO A 90 -28.72 -7.93 -6.80
C PRO A 90 -29.78 -9.00 -6.46
N PHE A 91 -29.53 -9.82 -5.45
CA PHE A 91 -30.47 -10.89 -5.09
C PHE A 91 -31.74 -10.28 -4.50
N ASP A 92 -32.88 -10.57 -5.10
CA ASP A 92 -34.17 -10.10 -4.55
C ASP A 92 -34.58 -10.80 -3.23
N ALA A 93 -33.91 -11.91 -2.89
CA ALA A 93 -34.23 -12.65 -1.68
C ALA A 93 -33.63 -11.97 -0.43
N TRP A 94 -32.51 -11.26 -0.67
CA TRP A 94 -31.81 -10.38 0.28
C TRP A 94 -32.58 -9.08 0.66
N ASN A 95 -33.64 -8.75 -0.08
CA ASN A 95 -34.30 -7.45 0.12
C ASN A 95 -35.63 -7.61 0.85
N LYS A 96 -35.53 -7.95 2.13
CA LYS A 96 -36.67 -8.18 3.00
C LYS A 96 -36.17 -8.39 4.43
N GLU A 97 -37.10 -8.47 5.37
CA GLU A 97 -36.82 -8.88 6.74
C GLU A 97 -36.16 -10.24 6.68
N GLN A 98 -35.28 -10.54 7.62
CA GLN A 98 -34.69 -11.90 7.71
C GLN A 98 -34.99 -12.62 9.01
N ASP A 99 -34.90 -13.93 8.97
CA ASP A 99 -34.63 -14.71 10.16
C ASP A 99 -33.45 -15.71 9.85
N LEU A 100 -33.13 -16.59 10.77
CA LEU A 100 -31.94 -17.40 10.61
C LEU A 100 -32.10 -18.31 9.41
N ASN A 101 -33.19 -19.06 9.38
CA ASN A 101 -33.51 -19.93 8.25
C ASN A 101 -33.47 -19.21 6.92
N THR A 102 -34.13 -18.06 6.82
CA THR A 102 -34.16 -17.27 5.59
C THR A 102 -32.79 -16.83 5.17
N ALA A 103 -31.99 -16.35 6.10
CA ALA A 103 -30.69 -15.81 5.77
C ALA A 103 -29.67 -16.91 5.40
N GLN A 105 -30.66 -20.17 4.17
CA GLN A 105 -31.17 -20.71 2.91
C GLN A 105 -30.77 -19.81 1.74
N ASN A 106 -30.81 -18.49 1.95
CA ASN A 106 -30.60 -17.52 0.90
C ASN A 106 -29.25 -16.81 0.98
N SER A 107 -28.40 -17.33 1.84
CA SER A 107 -27.05 -16.84 2.01
C SER A 107 -26.96 -15.32 1.96
N VAL A 108 -27.69 -14.66 2.87
CA VAL A 108 -27.83 -13.22 2.94
C VAL A 108 -26.62 -12.70 3.73
N ASN A 109 -25.66 -12.11 3.00
CA ASN A 109 -24.44 -11.62 3.61
C ASN A 109 -24.70 -10.55 4.66
N TRP A 110 -25.64 -9.63 4.43
CA TRP A 110 -25.77 -8.55 5.38
C TRP A 110 -26.20 -9.03 6.75
N TYR A 111 -27.01 -10.09 6.79
CA TYR A 111 -27.49 -10.62 8.05
C TYR A 111 -26.34 -11.22 8.91
N PHE A 112 -25.46 -11.97 8.27
CA PHE A 112 -24.36 -12.55 9.00
C PHE A 112 -23.31 -11.49 9.37
N GLU A 113 -23.14 -10.51 8.50
CA GLU A 113 -22.20 -9.45 8.77
C GLU A 113 -22.65 -8.57 9.92
N ARG A 114 -23.95 -8.42 10.09
CA ARG A 114 -24.43 -7.70 11.27
C ARG A 114 -24.28 -8.51 12.59
N ILE A 115 -24.32 -9.85 12.52
CA ILE A 115 -24.05 -10.68 13.68
C ILE A 115 -22.58 -10.44 14.02
N SER A 116 -21.73 -10.49 13.01
CA SER A 116 -20.29 -10.35 13.25
C SER A 116 -19.89 -9.06 13.89
N ASP A 117 -20.63 -8.01 13.53
CA ASP A 117 -20.39 -6.65 13.98
C ASP A 117 -20.38 -6.53 15.49
N GLN A 118 -21.25 -7.33 16.09
CA GLN A 118 -21.46 -7.41 17.52
C GLN A 118 -20.57 -8.44 18.31
N ILE A 119 -19.46 -8.92 17.72
CA ILE A 119 -18.62 -9.97 18.34
C ILE A 119 -17.16 -9.57 18.40
N PRO A 120 -16.65 -9.37 19.62
CA PRO A 120 -15.24 -9.00 19.88
C PRO A 120 -14.17 -10.04 19.47
N LYS A 121 -13.10 -9.53 18.87
CA LYS A 121 -12.01 -10.36 18.34
C LYS A 121 -11.60 -11.47 19.32
N ASN A 122 -11.68 -11.20 20.64
CA ASN A 122 -11.28 -12.21 21.63
C ASN A 122 -12.30 -13.37 21.88
N TYR A 123 -13.61 -13.14 21.78
CA TYR A 123 -14.57 -14.23 21.79
C TYR A 123 -14.36 -15.10 20.53
N THR A 124 -14.24 -14.45 19.38
CA THR A 124 -14.05 -15.16 18.14
C THR A 124 -12.71 -15.94 18.10
N ALA A 125 -11.61 -15.32 18.49
CA ALA A 125 -10.31 -15.98 18.57
C ALA A 125 -10.30 -17.14 19.56
N THR A 126 -10.91 -16.94 20.72
CA THR A 126 -11.13 -18.02 21.65
C THR A 126 -11.93 -19.14 21.01
N GLN A 127 -12.98 -18.79 20.28
CA GLN A 127 -13.82 -19.83 19.71
C GLN A 127 -13.06 -20.63 18.65
N LEU A 128 -12.29 -19.92 17.83
CA LEU A 128 -11.59 -20.51 16.69
C LEU A 128 -10.46 -21.43 17.19
N LYS A 129 -9.97 -21.11 18.36
CA LYS A 129 -8.96 -21.91 19.03
C LYS A 129 -9.58 -23.17 19.67
N GLN A 130 -10.65 -23.05 20.47
CA GLN A 130 -11.29 -24.26 20.98
C GLN A 130 -11.60 -25.19 19.79
N LEU A 131 -12.11 -24.62 18.68
CA LEU A 131 -12.60 -25.41 17.51
C LEU A 131 -11.51 -25.94 16.53
N ASN A 132 -10.31 -25.37 16.58
CA ASN A 132 -9.19 -25.68 15.68
C ASN A 132 -9.57 -25.35 14.24
N TYR A 133 -10.13 -24.16 14.06
CA TYR A 133 -10.65 -23.72 12.79
C TYR A 133 -9.53 -23.19 11.92
N GLY A 134 -8.94 -24.09 11.14
CA GLY A 134 -7.85 -23.76 10.24
C GLY A 134 -6.72 -22.90 10.79
N ASN A 135 -6.17 -22.13 9.88
CA ASN A 135 -5.52 -20.83 10.12
C ASN A 135 -5.74 -20.22 11.44
N LYS A 136 -7.01 -20.05 11.79
CA LYS A 136 -7.38 -19.18 12.90
C LYS A 136 -6.89 -17.79 12.66
N ASN A 137 -6.69 -17.41 11.42
CA ASN A 137 -6.07 -16.13 11.13
C ASN A 137 -7.15 -15.13 10.81
N LEU A 138 -7.46 -14.31 11.81
CA LEU A 138 -8.37 -13.19 11.65
C LEU A 138 -7.57 -12.06 11.00
N GLY A 139 -8.26 -11.06 10.50
CA GLY A 139 -7.51 -10.06 9.76
C GLY A 139 -7.43 -8.81 10.58
N SER A 140 -7.91 -7.73 9.98
CA SER A 140 -8.22 -6.49 10.65
C SER A 140 -9.60 -6.69 11.23
N TYR A 141 -10.12 -7.91 11.04
CA TYR A 141 -11.32 -8.39 11.72
C TYR A 141 -12.59 -7.71 11.22
N LYS A 142 -12.68 -7.66 9.90
CA LYS A 142 -13.83 -7.12 9.22
C LYS A 142 -14.59 -8.30 8.64
N SER A 143 -14.55 -8.49 7.32
CA SER A 143 -15.17 -9.67 6.73
C SER A 143 -14.08 -10.65 6.45
N TYR A 144 -13.51 -11.15 7.55
CA TYR A 144 -12.31 -12.00 7.52
C TYR A 144 -12.55 -13.37 6.91
N TRP A 145 -13.80 -13.76 6.79
CA TRP A 145 -14.15 -15.04 6.22
C TRP A 145 -14.34 -14.98 4.69
N GLU A 147 -12.90 -14.37 1.44
CA GLU A 147 -11.63 -14.32 0.67
C GLU A 147 -10.67 -13.37 1.29
N ASP A 148 -10.00 -13.82 2.35
CA ASP A 148 -9.23 -12.97 3.23
C ASP A 148 -8.21 -13.77 4.10
N SER A 149 -7.94 -13.33 5.32
CA SER A 149 -6.94 -14.02 6.14
C SER A 149 -7.34 -15.42 6.52
N LEU A 150 -8.61 -15.60 6.94
CA LEU A 150 -9.06 -16.87 7.48
C LEU A 150 -9.19 -17.91 6.39
N LYS A 151 -8.68 -19.10 6.68
CA LYS A 151 -8.61 -20.15 5.72
C LYS A 151 -8.72 -21.50 6.37
N ILE A 152 -9.36 -22.42 5.67
CA ILE A 152 -9.57 -23.74 6.19
C ILE A 152 -9.48 -24.75 5.05
N SER A 153 -9.00 -25.95 5.36
CA SER A 153 -8.97 -27.08 4.41
C SER A 153 -10.33 -27.87 4.36
N ASN A 154 -10.54 -28.60 3.29
CA ASN A 154 -11.78 -29.33 3.10
C ASN A 154 -11.87 -30.33 4.23
N LEU A 155 -10.73 -30.95 4.56
CA LEU A 155 -10.69 -31.96 5.63
C LEU A 155 -11.11 -31.41 6.98
N GLU A 156 -10.58 -30.25 7.29
CA GLU A 156 -10.91 -29.51 8.50
C GLU A 156 -12.35 -29.16 8.57
N GLN A 157 -12.89 -28.68 7.46
CA GLN A 157 -14.30 -28.36 7.40
C GLN A 157 -15.06 -29.53 7.94
N VAL A 158 -14.70 -30.74 7.54
CA VAL A 158 -15.43 -31.89 8.04
C VAL A 158 -15.19 -32.21 9.54
N ILE A 159 -13.93 -32.22 9.99
CA ILE A 159 -13.57 -32.60 11.39
C ILE A 159 -14.13 -31.55 12.34
N VAL A 160 -13.85 -30.32 11.99
CA VAL A 160 -14.28 -29.20 12.76
C VAL A 160 -15.78 -29.07 12.97
N PHE A 161 -16.54 -29.27 11.90
CA PHE A 161 -18.00 -29.23 11.97
C PHE A 161 -18.54 -30.40 12.76
N LYS A 162 -17.97 -31.59 12.51
CA LYS A 162 -18.42 -32.79 13.19
C LYS A 162 -18.12 -32.64 14.69
N ASN A 163 -16.96 -32.06 15.03
CA ASN A 163 -16.60 -31.89 16.40
C ASN A 163 -17.41 -30.81 17.05
N GLU A 166 -20.94 -32.64 17.44
CA GLU A 166 -21.07 -33.88 18.21
C GLU A 166 -20.44 -33.82 19.61
N GLN A 167 -19.29 -33.16 19.78
CA GLN A 167 -18.63 -33.10 21.11
C GLN A 167 -19.56 -32.52 22.21
N ASN A 168 -19.50 -33.11 23.40
CA ASN A 168 -20.23 -32.61 24.57
C ASN A 168 -19.53 -31.34 25.03
N ASN A 169 -19.95 -30.22 24.43
CA ASN A 169 -19.16 -29.01 24.31
C ASN A 169 -19.99 -27.79 24.79
N HIS A 170 -19.48 -26.57 24.70
CA HIS A 170 -20.16 -25.45 25.37
C HIS A 170 -21.35 -24.83 24.64
N PHE A 171 -21.50 -25.13 23.35
CA PHE A 171 -22.71 -24.78 22.59
C PHE A 171 -23.86 -25.68 23.01
N SER A 172 -25.04 -25.10 23.22
CA SER A 172 -26.17 -25.88 23.73
C SER A 172 -26.83 -26.67 22.60
N LYS A 173 -27.33 -27.84 22.95
CA LYS A 173 -28.08 -28.70 22.05
C LYS A 173 -29.15 -27.90 21.29
N LYS A 174 -29.73 -26.89 21.95
CA LYS A 174 -30.79 -26.08 21.36
C LYS A 174 -30.32 -25.21 20.21
N ALA A 175 -29.18 -24.54 20.37
CA ALA A 175 -28.61 -23.73 19.29
C ALA A 175 -28.10 -24.60 18.13
N LYS A 176 -27.56 -25.77 18.48
CA LYS A 176 -27.21 -26.78 17.48
C LYS A 176 -28.44 -27.15 16.68
N ASN A 177 -29.59 -27.27 17.33
CA ASN A 177 -30.78 -27.71 16.62
C ASN A 177 -31.38 -26.57 15.79
N GLN A 178 -31.28 -25.34 16.26
CA GLN A 178 -31.78 -24.25 15.44
C GLN A 178 -30.91 -24.09 14.18
N LEU A 179 -29.60 -24.25 14.33
CA LEU A 179 -28.67 -24.28 13.22
C LEU A 179 -29.01 -25.34 12.21
N SER A 180 -29.10 -26.58 12.69
CA SER A 180 -29.53 -27.72 11.86
C SER A 180 -30.73 -27.39 11.03
N SER A 181 -31.76 -26.81 11.66
CA SER A 181 -32.96 -26.42 10.92
C SER A 181 -32.63 -25.42 9.82
N SER A 182 -31.80 -24.47 10.15
CA SER A 182 -31.44 -23.47 9.17
C SER A 182 -30.72 -24.06 7.97
N LEU A 183 -30.09 -25.22 8.10
CA LEU A 183 -29.25 -25.86 7.04
C LEU A 183 -29.86 -27.03 6.23
N LEU A 184 -31.05 -27.50 6.61
CA LEU A 184 -31.72 -28.55 5.88
C LEU A 184 -32.02 -28.12 4.47
N ILE A 185 -31.83 -29.04 3.54
CA ILE A 185 -31.79 -28.74 2.12
C ILE A 185 -32.72 -29.71 1.41
N LYS A 186 -32.50 -31.00 1.68
CA LYS A 186 -33.41 -32.05 1.18
C LYS A 186 -33.84 -33.03 2.26
N LYS A 187 -35.05 -33.53 2.10
CA LYS A 187 -35.57 -34.58 2.94
C LYS A 187 -36.53 -35.41 2.10
N ASN A 188 -36.37 -36.73 2.21
CA ASN A 188 -37.38 -37.72 1.84
C ASN A 188 -37.45 -38.79 2.95
N GLU A 189 -38.03 -39.96 2.65
CA GLU A 189 -38.10 -41.08 3.61
C GLU A 189 -36.76 -41.64 4.12
N LYS A 190 -35.81 -41.83 3.21
CA LYS A 190 -34.53 -42.46 3.52
C LYS A 190 -33.58 -41.51 4.29
N TYR A 191 -33.51 -40.25 3.84
CA TYR A 191 -32.57 -39.27 4.39
C TYR A 191 -33.00 -37.80 4.60
N GLU A 192 -32.19 -37.11 5.38
CA GLU A 192 -32.26 -35.68 5.54
C GLU A 192 -30.84 -35.21 5.16
N LEU A 193 -30.73 -34.23 4.25
CA LEU A 193 -29.46 -33.65 3.85
C LEU A 193 -29.32 -32.19 4.29
N TYR A 194 -28.24 -31.89 5.00
CA TYR A 194 -27.97 -30.55 5.47
C TYR A 194 -26.65 -29.99 4.98
N GLY A 195 -26.65 -28.71 4.67
CA GLY A 195 -25.39 -28.10 4.34
C GLY A 195 -25.48 -26.67 3.88
N LYS A 196 -24.31 -26.07 3.60
CA LYS A 196 -24.20 -24.70 3.25
C LYS A 196 -23.22 -24.53 2.06
N THR A 197 -23.66 -23.78 1.05
CA THR A 197 -22.85 -23.43 -0.12
C THR A 197 -21.94 -22.27 0.15
N GLY A 198 -20.83 -22.25 -0.56
CA GLY A 198 -19.89 -21.15 -0.47
C GLY A 198 -19.47 -20.84 -1.90
N THR A 199 -19.40 -19.55 -2.24
CA THR A 199 -18.91 -19.17 -3.56
C THR A 199 -18.03 -17.94 -3.48
N GLY A 200 -16.77 -18.12 -3.84
CA GLY A 200 -15.76 -17.06 -3.74
C GLY A 200 -15.64 -16.36 -5.06
N ILE A 201 -15.43 -15.04 -5.00
CA ILE A 201 -14.97 -14.22 -6.12
C ILE A 201 -13.96 -13.22 -5.59
N GLY A 204 -12.69 -10.37 -10.06
CA GLY A 204 -13.86 -10.54 -10.90
C GLY A 204 -14.24 -11.99 -11.22
N LYS A 205 -13.62 -12.96 -10.54
CA LYS A 205 -13.70 -14.38 -10.97
C LYS A 205 -14.24 -15.35 -9.88
N TYR A 206 -14.89 -16.43 -10.31
CA TYR A 206 -15.23 -17.55 -9.44
C TYR A 206 -14.00 -18.45 -9.26
N ASN A 207 -13.47 -18.60 -8.04
CA ASN A 207 -12.27 -19.45 -7.85
C ASN A 207 -12.21 -20.35 -6.61
N ASN A 208 -13.34 -20.49 -5.90
CA ASN A 208 -13.35 -21.13 -4.58
C ASN A 208 -14.78 -21.45 -4.21
N GLY A 209 -15.19 -22.68 -4.54
CA GLY A 209 -16.55 -23.16 -4.37
C GLY A 209 -16.62 -24.25 -3.29
N TRP A 210 -17.68 -24.25 -2.47
CA TRP A 210 -17.77 -25.16 -1.33
C TRP A 210 -19.17 -25.67 -1.16
N PHE A 211 -19.28 -26.85 -0.57
CA PHE A 211 -20.54 -27.28 -0.01
C PHE A 211 -20.24 -28.16 1.20
N VAL A 212 -20.56 -27.68 2.40
CA VAL A 212 -20.27 -28.45 3.58
C VAL A 212 -21.55 -28.80 4.33
N GLY A 213 -21.60 -30.04 4.81
CA GLY A 213 -22.78 -30.46 5.55
C GLY A 213 -22.75 -31.84 6.11
N TYR A 214 -23.93 -32.39 6.27
CA TYR A 214 -24.09 -33.71 6.84
C TYR A 214 -25.39 -34.37 6.39
N VAL A 215 -25.45 -35.70 6.41
CA VAL A 215 -26.71 -36.36 6.07
C VAL A 215 -27.05 -37.37 7.17
N ILE A 216 -28.30 -37.33 7.61
CA ILE A 216 -28.82 -38.37 8.51
C ILE A 216 -29.67 -39.34 7.70
N THR A 217 -29.28 -40.61 7.68
CA THR A 217 -30.19 -41.67 7.23
C THR A 217 -30.80 -42.36 8.45
N ASN A 218 -31.67 -43.34 8.21
CA ASN A 218 -32.24 -44.17 9.28
C ASN A 218 -31.18 -44.99 10.01
N HIS A 219 -30.13 -45.40 9.29
CA HIS A 219 -29.06 -46.20 9.89
C HIS A 219 -27.96 -45.33 10.52
N ASP A 220 -27.41 -44.41 9.72
CA ASP A 220 -26.14 -43.74 10.01
C ASP A 220 -26.29 -42.23 9.92
N LYS A 221 -25.23 -41.52 10.31
CA LYS A 221 -25.12 -40.06 10.23
C LYS A 221 -23.74 -39.75 9.63
N TYR A 222 -23.63 -38.89 8.62
CA TYR A 222 -22.35 -38.62 7.92
C TYR A 222 -22.15 -37.10 7.76
N TYR A 223 -20.95 -36.61 8.03
CA TYR A 223 -20.54 -35.27 7.66
C TYR A 223 -19.66 -35.42 6.43
N PHE A 224 -19.66 -34.42 5.57
CA PHE A 224 -18.91 -34.41 4.32
C PHE A 224 -18.72 -32.94 3.90
N ALA A 225 -17.88 -32.75 2.91
CA ALA A 225 -17.61 -31.46 2.31
C ALA A 225 -16.96 -31.66 0.93
N THR A 226 -17.24 -30.74 0.04
CA THR A 226 -16.68 -30.72 -1.29
C THR A 226 -16.07 -29.34 -1.48
N HIS A 227 -14.80 -29.24 -1.85
CA HIS A 227 -14.22 -27.99 -2.36
C HIS A 227 -14.01 -28.00 -3.87
N LEU A 228 -14.12 -26.82 -4.51
CA LEU A 228 -13.77 -26.59 -5.93
C LEU A 228 -12.80 -25.39 -6.15
N SER A 229 -11.69 -25.61 -6.87
CA SER A 229 -10.66 -24.60 -7.10
C SER A 229 -10.58 -24.14 -8.58
N ASP A 230 -10.87 -25.05 -9.49
CA ASP A 230 -10.83 -24.73 -10.91
C ASP A 230 -11.81 -25.59 -11.69
N GLY A 231 -12.19 -25.08 -12.87
CA GLY A 231 -13.24 -25.66 -13.71
C GLY A 231 -14.35 -24.63 -13.67
N LYS A 232 -15.33 -24.84 -12.79
CA LYS A 232 -16.37 -23.84 -12.50
C LYS A 232 -16.60 -23.90 -11.00
N PRO A 233 -15.68 -23.33 -10.24
CA PRO A 233 -15.71 -23.40 -8.78
C PRO A 233 -16.86 -22.59 -8.24
N SER A 234 -17.99 -23.24 -8.12
CA SER A 234 -19.19 -22.53 -7.70
C SER A 234 -19.84 -23.32 -6.59
N GLY A 235 -20.49 -22.60 -5.70
CA GLY A 235 -21.21 -23.21 -4.59
C GLY A 235 -22.20 -24.18 -5.15
N LYS A 236 -22.91 -23.73 -6.19
CA LYS A 236 -23.89 -24.57 -6.91
C LYS A 236 -23.30 -25.88 -7.43
N ASN A 237 -22.11 -25.86 -8.04
CA ASN A 237 -21.56 -27.08 -8.61
C ASN A 237 -21.03 -28.02 -7.56
N ALA A 238 -20.56 -27.44 -6.46
CA ALA A 238 -20.07 -28.22 -5.35
C ALA A 238 -21.20 -29.04 -4.74
N GLU A 239 -22.39 -28.46 -4.69
CA GLU A 239 -23.57 -29.16 -4.19
C GLU A 239 -23.97 -30.28 -5.14
N LEU A 240 -23.84 -30.05 -6.43
CA LEU A 240 -24.27 -31.09 -7.35
C LEU A 240 -23.31 -32.26 -7.19
N ILE A 241 -22.01 -31.97 -7.26
CA ILE A 241 -21.00 -33.01 -7.11
C ILE A 241 -21.20 -33.75 -5.78
N SER A 242 -21.47 -33.00 -4.72
CA SER A 242 -21.73 -33.60 -3.42
C SER A 242 -22.92 -34.56 -3.47
N GLU A 243 -23.94 -34.22 -4.21
CA GLU A 243 -25.10 -35.05 -4.25
C GLU A 243 -24.84 -36.29 -5.05
N LYS A 244 -24.13 -36.18 -6.16
CA LYS A 244 -23.83 -37.35 -6.99
C LYS A 244 -22.94 -38.38 -6.27
N ILE A 245 -22.14 -37.93 -5.29
CA ILE A 245 -21.21 -38.80 -4.55
C ILE A 245 -21.98 -39.57 -3.48
N LEU A 246 -22.76 -38.86 -2.67
CA LEU A 246 -23.64 -39.51 -1.69
C LEU A 246 -24.69 -40.53 -2.31
N LYS A 247 -25.01 -40.36 -3.58
CA LYS A 247 -26.01 -41.20 -4.22
C LYS A 247 -25.31 -42.45 -4.71
N GLU A 248 -24.21 -42.23 -5.42
CA GLU A 248 -23.44 -43.31 -6.01
C GLU A 248 -22.71 -44.16 -4.93
N GLY A 250 -23.94 -44.39 -0.78
CA GLY A 250 -24.83 -44.99 0.22
C GLY A 250 -26.17 -44.27 0.39
N VAL A 251 -27.09 -44.57 -0.52
CA VAL A 251 -28.40 -43.87 -0.72
C VAL A 251 -28.63 -42.40 -0.19
N ASN B 8 39.00 24.26 -9.00
CA ASN B 8 37.89 23.35 -9.48
C ASN B 8 37.59 22.10 -8.59
N TYR B 9 36.40 21.51 -8.74
CA TYR B 9 36.08 20.21 -8.12
C TYR B 9 36.92 19.05 -8.71
N LYS B 10 37.77 18.46 -7.86
CA LYS B 10 38.75 17.43 -8.27
C LYS B 10 38.27 15.98 -8.13
N LYS B 11 37.45 15.74 -7.09
CA LYS B 11 37.16 14.37 -6.61
C LYS B 11 36.64 13.52 -7.77
N PRO B 12 37.26 12.38 -8.01
CA PRO B 12 36.83 11.56 -9.14
C PRO B 12 35.40 11.02 -8.90
N LEU B 13 34.74 10.69 -10.02
CA LEU B 13 33.40 10.15 -10.04
C LEU B 13 33.53 8.70 -10.45
N HIS B 14 33.42 7.81 -9.46
CA HIS B 14 33.58 6.37 -9.66
C HIS B 14 32.20 5.70 -9.82
N ASN B 15 31.55 6.10 -10.93
CA ASN B 15 30.18 5.76 -11.25
C ASN B 15 29.92 5.74 -12.75
N ASP B 16 29.02 4.86 -13.19
CA ASP B 16 28.67 4.80 -14.59
C ASP B 16 28.17 6.17 -15.04
N TYR B 17 28.61 6.61 -16.22
CA TYR B 17 28.38 7.96 -16.73
C TYR B 17 27.86 7.91 -18.18
N GLN B 18 27.51 9.05 -18.77
CA GLN B 18 27.26 9.09 -20.23
C GLN B 18 27.41 10.51 -20.73
N ILE B 19 28.32 10.70 -21.67
CA ILE B 19 28.52 12.01 -22.26
C ILE B 19 27.30 12.35 -23.06
N LEU B 20 26.93 13.61 -23.06
CA LEU B 20 25.82 14.09 -23.84
C LEU B 20 26.31 15.25 -24.64
N ASP B 21 25.62 15.51 -25.73
CA ASP B 21 25.92 16.68 -26.54
C ASP B 21 24.58 17.39 -26.68
N LYS B 22 24.35 18.35 -25.79
CA LYS B 22 23.15 19.19 -25.79
C LYS B 22 23.46 20.63 -26.28
N SER B 23 24.59 20.75 -26.97
CA SER B 23 25.06 22.02 -27.53
C SER B 23 23.96 22.83 -28.22
N LYS B 24 23.07 22.09 -28.85
CA LYS B 24 22.11 22.63 -29.77
C LYS B 24 20.97 23.27 -29.00
N ILE B 25 20.61 22.67 -27.87
CA ILE B 25 19.83 23.38 -26.87
C ILE B 25 20.80 24.02 -25.86
N PHE B 26 21.50 25.09 -26.20
CA PHE B 26 22.37 25.77 -25.22
C PHE B 26 22.79 27.16 -25.76
N GLY B 31 27.66 26.89 -20.95
CA GLY B 31 27.50 26.24 -19.66
C GLY B 31 27.68 24.72 -19.54
N SER B 32 26.79 24.08 -18.77
CA SER B 32 26.96 22.70 -18.34
C SER B 32 25.64 22.07 -17.81
N PHE B 33 25.53 20.74 -17.83
CA PHE B 33 24.26 20.10 -17.43
C PHE B 33 24.54 18.71 -16.89
N VAL B 34 23.95 18.35 -15.74
CA VAL B 34 24.28 17.11 -15.03
C VAL B 34 23.04 16.45 -14.42
N TYR B 36 21.22 12.87 -12.65
CA TYR B 36 21.43 11.61 -11.98
C TYR B 36 20.13 10.83 -11.78
N SER B 37 20.06 9.67 -12.41
CA SER B 37 19.05 8.65 -12.12
C SER B 37 19.38 7.83 -10.87
N LYS B 40 18.86 3.26 -11.64
CA LYS B 40 20.00 3.16 -12.58
C LYS B 40 21.36 3.51 -11.94
N ASP B 41 21.35 4.33 -10.89
CA ASP B 41 22.58 4.84 -10.28
C ASP B 41 23.61 5.24 -11.34
N LYS B 42 23.30 6.26 -12.13
CA LYS B 42 24.19 6.76 -13.17
C LYS B 42 24.01 8.23 -13.60
N TYR B 43 25.13 8.85 -14.00
CA TYR B 43 25.18 10.26 -14.36
C TYR B 43 25.13 10.46 -15.86
N TYR B 44 24.68 11.65 -16.25
CA TYR B 44 24.41 12.02 -17.63
C TYR B 44 24.89 13.44 -17.74
N ILE B 45 26.11 13.65 -18.25
CA ILE B 45 26.71 14.98 -18.28
C ILE B 45 26.88 15.52 -19.69
N TYR B 46 26.61 16.80 -19.85
CA TYR B 46 26.97 17.53 -21.04
C TYR B 46 27.98 18.63 -20.67
N ASN B 47 29.18 18.60 -21.25
CA ASN B 47 30.26 19.54 -20.92
C ASN B 47 30.74 19.25 -19.50
N GLU B 48 31.43 18.14 -19.26
CA GLU B 48 31.75 17.72 -17.88
C GLU B 48 33.04 18.30 -17.25
N LYS B 49 33.95 18.87 -18.03
CA LYS B 49 35.08 19.57 -17.40
C LYS B 49 34.53 20.87 -16.85
N GLU B 50 33.73 21.54 -17.69
CA GLU B 50 33.04 22.78 -17.35
C GLU B 50 31.99 22.64 -16.25
N SER B 51 31.63 21.40 -15.93
CA SER B 51 30.70 21.07 -14.84
C SER B 51 31.46 20.98 -13.52
N ARG B 52 32.74 20.62 -13.58
CA ARG B 52 33.60 20.56 -12.39
C ARG B 52 34.26 21.91 -11.98
N LYS B 53 33.92 23.02 -12.63
CA LYS B 53 34.38 24.35 -12.19
C LYS B 53 33.39 24.90 -11.14
N ARG B 54 33.92 25.50 -10.09
CA ARG B 54 33.10 26.06 -9.03
C ARG B 54 32.71 27.52 -9.25
N TYR B 55 31.44 27.80 -8.97
CA TYR B 55 30.91 29.14 -8.99
C TYR B 55 30.10 29.38 -7.73
N SER B 56 29.86 30.63 -7.45
CA SER B 56 28.93 30.99 -6.42
C SER B 56 27.57 30.32 -6.64
N PRO B 57 26.89 29.88 -5.59
CA PRO B 57 25.61 29.17 -5.77
C PRO B 57 24.42 30.08 -5.96
N ASN B 58 24.65 31.38 -5.79
CA ASN B 58 23.63 32.37 -5.43
C ASN B 58 22.33 31.80 -4.82
N SER B 59 21.17 31.97 -5.43
CA SER B 59 19.98 31.65 -4.73
C SER B 59 19.72 30.16 -4.56
N THR B 60 20.52 29.26 -5.15
CA THR B 60 20.35 27.81 -4.95
C THR B 60 20.73 27.46 -3.55
N TYR B 61 21.68 28.21 -2.98
CA TYR B 61 21.94 28.09 -1.55
C TYR B 61 20.68 28.31 -0.62
N LYS B 62 19.66 29.01 -1.07
CA LYS B 62 18.43 29.09 -0.29
C LYS B 62 17.87 27.72 0.11
N ILE B 63 18.15 26.68 -0.70
CA ILE B 63 17.81 25.27 -0.37
C ILE B 63 18.38 24.85 0.97
N TYR B 64 19.64 25.21 1.20
CA TYR B 64 20.34 24.86 2.43
C TYR B 64 20.05 25.80 3.58
N LEU B 65 19.95 27.09 3.31
CA LEU B 65 19.45 28.02 4.33
C LEU B 65 18.04 27.59 4.89
N ALA B 66 17.16 27.05 4.07
CA ALA B 66 15.88 26.58 4.56
C ALA B 66 16.06 25.32 5.39
N PHE B 68 18.66 24.61 7.16
CA PHE B 68 19.26 24.97 8.43
C PHE B 68 18.29 25.64 9.34
N GLY B 69 17.33 26.38 8.76
CA GLY B 69 16.42 27.19 9.54
C GLY B 69 15.40 26.28 10.12
N LEU B 70 14.87 25.41 9.29
CA LEU B 70 14.05 24.30 9.74
C LEU B 70 14.76 23.37 10.77
N ASP B 71 16.03 23.05 10.51
CA ASP B 71 16.77 22.17 11.39
C ASP B 71 16.95 22.79 12.78
N ARG B 72 17.02 24.12 12.84
CA ARG B 72 17.28 24.79 14.09
C ARG B 72 15.99 25.45 14.59
N HIS B 73 14.88 25.12 13.94
CA HIS B 73 13.55 25.59 14.33
C HIS B 73 13.30 27.10 14.30
N ILE B 74 14.06 27.81 13.47
CA ILE B 74 13.74 29.19 13.20
C ILE B 74 12.36 29.23 12.50
N ILE B 75 11.98 28.12 11.86
CA ILE B 75 10.70 27.97 11.18
C ILE B 75 10.28 26.52 11.21
N ASN B 76 9.00 26.25 10.98
CA ASN B 76 8.50 24.86 10.89
C ASN B 76 7.19 24.79 10.07
N ASP B 77 6.51 23.64 10.13
CA ASP B 77 5.33 23.36 9.29
C ASP B 77 4.21 24.33 9.61
N GLU B 78 3.95 24.51 10.89
CA GLU B 78 2.79 25.27 11.30
C GLU B 78 3.02 26.75 11.03
N ASN B 79 4.25 27.21 11.22
CA ASN B 79 4.61 28.61 11.01
C ASN B 79 5.99 28.71 10.39
N SER B 80 6.05 29.41 9.24
CA SER B 80 7.30 29.86 8.62
C SER B 80 7.09 31.24 7.98
N ARG B 81 6.16 32.01 8.56
CA ARG B 81 5.79 33.34 8.06
C ARG B 81 6.64 34.47 8.63
N SER B 83 6.60 39.06 7.99
CA SER B 83 6.04 40.21 7.25
C SER B 83 7.09 41.04 6.54
N TRP B 84 6.64 41.89 5.63
CA TRP B 84 7.52 42.69 4.77
C TRP B 84 7.88 44.07 5.35
N ASN B 85 9.07 44.56 5.04
CA ASN B 85 9.68 45.71 5.71
C ASN B 85 9.52 47.10 5.01
N HIS B 86 8.82 47.09 3.87
CA HIS B 86 8.37 48.28 3.11
C HIS B 86 9.43 48.95 2.23
N LYS B 87 10.64 48.40 2.18
CA LYS B 87 11.67 48.96 1.29
C LYS B 87 11.32 48.44 -0.10
N HIS B 88 10.93 49.34 -1.02
CA HIS B 88 10.49 48.87 -2.34
C HIS B 88 11.65 48.09 -2.93
N TYR B 89 11.56 46.77 -2.79
CA TYR B 89 12.51 45.88 -3.36
C TYR B 89 12.12 45.75 -4.78
N PRO B 90 13.05 45.43 -5.64
CA PRO B 90 12.80 45.59 -7.06
C PRO B 90 12.17 44.35 -7.66
N PHE B 91 11.56 43.54 -6.82
CA PHE B 91 10.71 42.40 -7.25
C PHE B 91 9.37 42.59 -6.58
N ASP B 92 8.31 42.61 -7.38
CA ASP B 92 6.99 42.87 -6.81
C ASP B 92 6.54 41.74 -5.89
N ALA B 93 6.84 40.50 -6.25
CA ALA B 93 6.50 39.39 -5.38
C ALA B 93 7.20 39.40 -4.00
N TRP B 94 8.20 40.29 -3.84
CA TRP B 94 8.90 40.45 -2.53
C TRP B 94 8.27 41.46 -1.58
N ASN B 95 7.42 42.35 -2.08
CA ASN B 95 6.92 43.48 -1.29
C ASN B 95 5.64 43.12 -0.54
N LYS B 96 5.72 42.05 0.22
CA LYS B 96 4.54 41.44 0.85
C LYS B 96 5.05 40.37 1.81
N GLU B 97 4.20 40.06 2.79
CA GLU B 97 4.43 39.00 3.77
C GLU B 97 4.80 37.72 3.01
N GLN B 98 5.56 36.84 3.63
CA GLN B 98 5.98 35.63 2.97
C GLN B 98 5.85 34.40 3.89
N ASP B 99 5.72 33.22 3.28
CA ASP B 99 5.92 31.96 4.01
C ASP B 99 7.07 31.24 3.35
N LEU B 100 7.45 30.08 3.85
CA LEU B 100 8.53 29.32 3.25
C LEU B 100 8.25 28.98 1.81
N ASN B 101 7.04 28.54 1.52
CA ASN B 101 6.68 28.30 0.11
C ASN B 101 6.77 29.58 -0.86
N THR B 102 6.26 30.75 -0.49
CA THR B 102 6.32 31.95 -1.35
C THR B 102 7.72 32.53 -1.40
N ALA B 103 8.39 32.50 -0.28
CA ALA B 103 9.77 32.99 -0.23
C ALA B 103 10.65 32.23 -1.21
N GLN B 105 9.60 30.16 -3.90
CA GLN B 105 9.07 30.21 -5.28
C GLN B 105 9.45 31.53 -5.99
N ASN B 106 9.49 32.62 -5.22
CA ASN B 106 9.70 33.93 -5.77
C ASN B 106 11.10 34.45 -5.45
N SER B 107 11.90 33.56 -4.86
CA SER B 107 13.29 33.76 -4.50
C SER B 107 13.59 35.01 -3.72
N VAL B 108 13.06 35.10 -2.51
CA VAL B 108 12.97 36.33 -1.78
C VAL B 108 14.14 36.51 -0.87
N ASN B 109 15.08 37.34 -1.30
CA ASN B 109 16.37 37.42 -0.62
C ASN B 109 16.21 37.69 0.84
N TRP B 110 15.44 38.71 1.19
CA TRP B 110 15.39 39.17 2.59
C TRP B 110 14.94 38.09 3.54
N TYR B 111 14.01 37.28 3.09
CA TYR B 111 13.44 36.26 3.91
C TYR B 111 14.52 35.26 4.34
N PHE B 112 15.39 34.84 3.43
CA PHE B 112 16.46 33.89 3.79
C PHE B 112 17.64 34.58 4.50
N GLU B 113 17.86 35.87 4.25
CA GLU B 113 18.82 36.65 5.05
C GLU B 113 18.39 36.69 6.52
N ARG B 114 17.08 36.82 6.80
CA ARG B 114 16.58 36.84 8.19
C ARG B 114 16.83 35.51 8.84
N ILE B 115 16.75 34.42 8.08
CA ILE B 115 17.09 33.10 8.59
C ILE B 115 18.56 32.99 8.91
N SER B 116 19.39 33.41 7.96
CA SER B 116 20.83 33.19 8.02
C SER B 116 21.48 33.98 9.22
N ASP B 117 20.91 35.11 9.60
CA ASP B 117 21.46 35.90 10.70
C ASP B 117 21.40 35.11 11.99
N GLN B 118 20.42 34.23 12.11
CA GLN B 118 20.25 33.43 13.33
C GLN B 118 21.12 32.20 13.46
N ILE B 119 21.83 31.90 12.37
CA ILE B 119 22.76 30.75 12.28
C ILE B 119 24.14 31.17 12.76
N PRO B 120 24.82 30.32 13.56
CA PRO B 120 26.21 30.53 13.94
C PRO B 120 27.22 29.84 13.03
N LYS B 121 28.33 30.52 12.79
CA LYS B 121 29.35 30.04 11.86
C LYS B 121 29.69 28.55 11.97
N ASN B 122 29.69 28.01 13.19
CA ASN B 122 30.30 26.69 13.47
C ASN B 122 29.38 25.56 13.11
N TYR B 123 28.07 25.80 13.32
CA TYR B 123 27.01 24.97 12.77
C TYR B 123 27.05 24.98 11.24
N THR B 124 27.24 26.16 10.66
CA THR B 124 27.19 26.29 9.20
C THR B 124 28.39 25.55 8.63
N ALA B 125 29.56 25.77 9.22
CA ALA B 125 30.78 25.10 8.79
C ALA B 125 30.69 23.58 9.04
N THR B 126 30.19 23.17 10.21
CA THR B 126 29.96 21.76 10.51
C THR B 126 29.15 21.08 9.40
N GLN B 127 28.03 21.69 9.00
CA GLN B 127 27.11 21.06 8.04
C GLN B 127 27.81 20.99 6.70
N LEU B 128 28.56 22.04 6.36
CA LEU B 128 29.25 22.11 5.09
C LEU B 128 30.42 21.13 4.94
N LYS B 129 30.91 20.54 6.06
CA LYS B 129 31.85 19.40 6.01
C LYS B 129 31.11 18.05 5.90
N GLN B 130 30.06 17.88 6.70
CA GLN B 130 29.12 16.76 6.55
C GLN B 130 28.55 16.66 5.13
N LEU B 131 28.28 17.81 4.51
CA LEU B 131 27.57 17.86 3.21
C LEU B 131 28.51 17.86 2.01
N ASN B 132 29.80 18.17 2.24
CA ASN B 132 30.87 18.28 1.22
C ASN B 132 30.59 19.43 0.30
N TYR B 133 30.17 20.56 0.84
CA TYR B 133 29.61 21.67 0.04
C TYR B 133 30.71 22.60 -0.60
N GLY B 134 31.19 22.18 -1.76
CA GLY B 134 32.17 22.93 -2.53
C GLY B 134 33.33 23.48 -1.71
N ASN B 135 33.73 24.69 -2.01
CA ASN B 135 34.58 25.58 -1.19
C ASN B 135 34.65 25.46 0.32
N LYS B 136 33.47 25.42 0.96
CA LYS B 136 33.28 25.59 2.43
C LYS B 136 33.81 26.90 2.95
N ASN B 137 33.93 27.86 2.04
CA ASN B 137 34.58 29.13 2.29
C ASN B 137 33.43 30.10 2.65
N LEU B 138 33.30 30.36 3.94
CA LEU B 138 32.33 31.27 4.45
C LEU B 138 32.80 32.73 4.43
N GLY B 139 34.02 33.00 3.96
CA GLY B 139 34.45 34.39 3.82
C GLY B 139 34.17 35.11 5.12
N SER B 140 33.65 36.32 5.01
CA SER B 140 33.24 37.14 6.17
C SER B 140 31.89 36.71 6.78
N TYR B 141 31.11 35.93 6.05
CA TYR B 141 29.90 35.36 6.58
C TYR B 141 28.90 36.49 6.67
N LYS B 142 28.80 37.29 5.60
CA LYS B 142 27.70 38.21 5.45
C LYS B 142 26.74 37.50 4.50
N SER B 143 26.58 37.98 3.29
CA SER B 143 25.77 37.29 2.29
C SER B 143 26.72 36.41 1.46
N TYR B 144 27.36 35.45 2.12
CA TYR B 144 28.46 34.70 1.54
C TYR B 144 28.10 33.89 0.27
N TRP B 145 26.84 33.47 0.16
CA TRP B 145 26.39 32.69 -0.97
C TRP B 145 26.08 33.51 -2.24
N GLU B 147 27.56 35.56 -4.83
CA GLU B 147 28.66 35.98 -5.70
C GLU B 147 29.83 36.44 -4.90
N ASP B 148 30.22 35.61 -3.94
CA ASP B 148 31.26 35.96 -2.98
C ASP B 148 32.20 34.77 -2.75
N SER B 149 32.37 34.31 -1.52
CA SER B 149 33.44 33.35 -1.21
C SER B 149 32.97 31.89 -1.44
N LEU B 150 31.75 31.58 -1.09
CA LEU B 150 31.28 30.21 -1.22
C LEU B 150 31.06 29.88 -2.66
N LYS B 151 31.63 28.78 -3.11
CA LYS B 151 31.55 28.36 -4.49
C LYS B 151 31.32 26.85 -4.54
N ILE B 152 30.59 26.39 -5.57
CA ILE B 152 30.27 24.96 -5.79
C ILE B 152 30.14 24.70 -7.28
N SER B 153 30.45 23.47 -7.72
CA SER B 153 30.39 23.11 -9.16
C SER B 153 29.03 22.52 -9.54
N ASN B 154 28.65 22.61 -10.81
CA ASN B 154 27.40 22.01 -11.30
C ASN B 154 27.33 20.55 -10.89
N LEU B 155 28.42 19.84 -11.03
CA LEU B 155 28.41 18.44 -10.66
C LEU B 155 28.15 18.25 -9.18
N GLU B 156 28.80 19.06 -8.33
CA GLU B 156 28.58 18.99 -6.88
C GLU B 156 27.15 19.37 -6.51
N GLN B 157 26.57 20.33 -7.21
CA GLN B 157 25.19 20.72 -6.89
C GLN B 157 24.35 19.42 -6.86
N VAL B 158 24.50 18.56 -7.87
CA VAL B 158 23.71 17.33 -7.97
C VAL B 158 24.10 16.36 -6.86
N ILE B 159 25.40 16.16 -6.65
CA ILE B 159 25.90 15.14 -5.75
C ILE B 159 25.51 15.50 -4.38
N VAL B 160 25.87 16.71 -3.97
CA VAL B 160 25.56 17.21 -2.63
C VAL B 160 24.04 17.30 -2.41
N PHE B 161 23.29 17.68 -3.43
CA PHE B 161 21.85 17.76 -3.23
C PHE B 161 21.20 16.36 -3.02
N LYS B 162 21.56 15.45 -3.91
CA LYS B 162 20.98 14.10 -3.89
C LYS B 162 21.29 13.40 -2.60
N ASN B 163 22.49 13.64 -2.07
CA ASN B 163 22.92 12.99 -0.85
C ASN B 163 22.15 13.46 0.36
N GLU B 166 18.64 12.00 0.13
CA GLU B 166 18.47 10.54 0.03
C GLU B 166 19.23 9.77 1.10
N GLN B 167 20.52 10.06 1.24
CA GLN B 167 21.36 9.32 2.16
C GLN B 167 20.90 9.61 3.59
N ASN B 168 21.08 8.64 4.47
CA ASN B 168 20.43 8.64 5.78
C ASN B 168 21.30 9.29 6.85
N ASN B 169 21.08 10.59 7.05
CA ASN B 169 21.96 11.45 7.85
C ASN B 169 21.17 12.19 8.94
N HIS B 170 21.60 13.37 9.41
CA HIS B 170 21.01 14.01 10.60
C HIS B 170 19.87 15.07 10.35
N PHE B 171 19.29 15.05 9.16
CA PHE B 171 18.10 15.87 8.91
C PHE B 171 16.89 14.96 8.89
N SER B 172 15.77 15.50 9.39
CA SER B 172 14.53 14.75 9.52
C SER B 172 13.78 14.57 8.20
N LYS B 173 12.85 13.62 8.22
CA LYS B 173 11.99 13.32 7.09
C LYS B 173 10.93 14.44 6.96
N LYS B 174 10.59 15.07 8.09
CA LYS B 174 9.66 16.19 8.14
C LYS B 174 10.19 17.42 7.39
N ALA B 175 11.36 17.89 7.80
CA ALA B 175 12.07 19.01 7.19
C ALA B 175 12.24 18.78 5.70
N LYS B 176 12.73 17.61 5.36
CA LYS B 176 13.00 17.30 3.98
C LYS B 176 11.73 17.42 3.20
N ASN B 177 10.62 17.03 3.81
CA ASN B 177 9.37 17.02 3.06
C ASN B 177 8.78 18.43 2.99
N GLN B 178 9.04 19.23 4.02
CA GLN B 178 8.72 20.64 3.97
C GLN B 178 9.60 21.37 2.96
N LEU B 179 10.91 21.14 2.98
CA LEU B 179 11.74 21.68 1.98
C LEU B 179 11.25 21.24 0.61
N SER B 180 11.08 19.93 0.37
CA SER B 180 10.52 19.44 -0.90
C SER B 180 9.29 20.19 -1.42
N SER B 181 8.26 20.30 -0.60
CA SER B 181 7.08 21.04 -0.98
C SER B 181 7.33 22.48 -1.36
N SER B 182 8.33 23.14 -0.78
CA SER B 182 8.70 24.51 -1.16
C SER B 182 9.41 24.54 -2.52
N LEU B 183 10.01 23.40 -2.90
CA LEU B 183 10.64 23.29 -4.22
C LEU B 183 9.77 22.82 -5.38
N LEU B 184 8.53 22.39 -5.12
CA LEU B 184 7.66 21.88 -6.16
C LEU B 184 7.31 23.00 -7.16
N ILE B 185 7.50 22.74 -8.44
CA ILE B 185 7.26 23.69 -9.52
C ILE B 185 6.18 23.22 -10.52
N LYS B 186 6.29 21.97 -10.98
CA LYS B 186 5.33 21.44 -11.93
C LYS B 186 4.92 20.03 -11.51
N LYS B 187 3.65 19.71 -11.69
CA LYS B 187 3.22 18.35 -11.52
C LYS B 187 2.08 18.03 -12.46
N ASN B 188 2.11 16.84 -12.98
CA ASN B 188 1.00 16.35 -13.71
C ASN B 188 1.02 14.85 -13.57
N GLU B 189 0.23 14.15 -14.40
CA GLU B 189 0.05 12.71 -14.25
C GLU B 189 1.36 12.00 -14.53
N LYS B 190 2.06 12.50 -15.54
CA LYS B 190 3.37 11.99 -15.98
C LYS B 190 4.48 12.15 -14.92
N TYR B 191 4.52 13.32 -14.26
CA TYR B 191 5.70 13.73 -13.47
C TYR B 191 5.52 14.85 -12.42
N GLU B 192 6.52 14.95 -11.54
CA GLU B 192 6.68 16.03 -10.55
C GLU B 192 8.04 16.68 -10.76
N LEU B 193 8.08 17.96 -11.13
CA LEU B 193 9.37 18.67 -11.21
C LEU B 193 9.54 19.59 -10.00
N TYR B 194 10.68 19.44 -9.34
CA TYR B 194 11.13 20.32 -8.25
C TYR B 194 12.43 21.05 -8.64
N GLY B 195 12.56 22.30 -8.21
CA GLY B 195 13.81 22.98 -8.40
C GLY B 195 13.94 24.33 -7.81
N LYS B 196 15.09 24.92 -8.04
CA LYS B 196 15.40 26.25 -7.58
C LYS B 196 16.31 26.96 -8.59
N THR B 197 15.95 28.21 -8.92
CA THR B 197 16.78 29.00 -9.78
C THR B 197 17.78 29.84 -9.01
N GLY B 198 18.80 30.28 -9.73
CA GLY B 198 19.85 31.12 -9.20
C GLY B 198 20.30 32.00 -10.32
N THR B 199 20.20 33.31 -10.15
CA THR B 199 20.77 34.26 -11.13
C THR B 199 21.79 35.14 -10.43
N GLY B 200 22.98 35.23 -11.03
CA GLY B 200 24.07 36.05 -10.48
C GLY B 200 24.23 37.31 -11.30
N ILE B 201 24.65 38.40 -10.64
CA ILE B 201 25.13 39.56 -11.40
C ILE B 201 26.49 40.07 -10.90
N VAL B 202 27.44 40.19 -11.82
CA VAL B 202 28.70 40.81 -11.52
C VAL B 202 28.90 41.95 -12.51
N ASN B 203 29.36 43.08 -12.01
CA ASN B 203 29.54 44.30 -12.80
C ASN B 203 28.37 44.61 -13.74
N GLY B 204 27.15 44.26 -13.30
CA GLY B 204 25.92 44.62 -14.01
C GLY B 204 25.48 43.62 -15.07
N LYS B 205 26.41 42.84 -15.58
CA LYS B 205 26.05 41.74 -16.48
C LYS B 205 25.69 40.55 -15.66
N TYR B 206 24.79 39.73 -16.20
CA TYR B 206 24.43 38.47 -15.59
C TYR B 206 25.57 37.57 -15.93
N ASN B 207 25.93 36.63 -15.07
CA ASN B 207 27.02 35.72 -15.44
C ASN B 207 27.03 34.35 -14.83
N ASN B 208 25.98 34.04 -14.11
CA ASN B 208 26.00 32.90 -13.25
C ASN B 208 24.53 32.46 -13.04
N GLY B 209 24.05 31.63 -13.96
CA GLY B 209 22.64 31.18 -13.99
C GLY B 209 22.52 29.72 -13.66
N TRP B 210 21.57 29.36 -12.81
CA TRP B 210 21.46 28.00 -12.24
C TRP B 210 20.01 27.56 -12.25
N PHE B 211 19.78 26.25 -12.35
CA PHE B 211 18.53 25.64 -11.99
C PHE B 211 18.90 24.29 -11.48
N VAL B 212 18.68 24.04 -10.20
CA VAL B 212 19.01 22.76 -9.66
C VAL B 212 17.77 22.18 -9.06
N GLY B 213 17.57 20.88 -9.29
CA GLY B 213 16.41 20.20 -8.78
C GLY B 213 16.36 18.74 -9.07
N TYR B 214 15.18 18.16 -8.91
CA TYR B 214 14.91 16.74 -9.22
C TYR B 214 13.50 16.52 -9.81
N VAL B 215 13.31 15.40 -10.48
CA VAL B 215 12.04 15.18 -11.17
C VAL B 215 11.66 13.76 -10.93
N ILE B 216 10.61 13.53 -10.14
CA ILE B 216 10.01 12.18 -9.99
C ILE B 216 9.02 11.87 -11.13
N THR B 217 9.23 10.69 -11.72
CA THR B 217 8.26 10.10 -12.61
C THR B 217 7.78 8.82 -11.94
N ASN B 218 6.88 8.12 -12.64
CA ASN B 218 6.48 6.80 -12.26
C ASN B 218 7.63 5.79 -12.47
N HIS B 219 8.57 6.02 -13.38
CA HIS B 219 9.68 5.08 -13.55
C HIS B 219 10.96 5.42 -12.70
N ASP B 220 11.27 6.71 -12.42
CA ASP B 220 12.54 7.04 -11.73
C ASP B 220 12.55 8.34 -10.87
N LYS B 221 13.72 8.68 -10.31
CA LYS B 221 13.93 9.89 -9.51
C LYS B 221 15.25 10.57 -9.92
N TYR B 222 15.15 11.51 -10.87
CA TYR B 222 16.29 12.12 -11.50
C TYR B 222 16.73 13.46 -10.89
N TYR B 223 17.78 13.48 -10.07
CA TYR B 223 18.39 14.77 -9.66
C TYR B 223 19.15 15.40 -10.83
N PHE B 224 19.28 16.72 -10.79
CA PHE B 224 19.78 17.44 -11.94
C PHE B 224 20.11 18.87 -11.58
N ALA B 225 20.80 19.55 -12.50
CA ALA B 225 21.40 20.88 -12.30
C ALA B 225 21.94 21.36 -13.62
N THR B 226 21.54 22.55 -14.05
CA THR B 226 22.11 23.20 -15.21
C THR B 226 22.81 24.46 -14.73
N HIS B 227 23.96 24.77 -15.29
CA HIS B 227 24.70 26.03 -15.03
C HIS B 227 24.97 26.77 -16.32
N LEU B 228 24.91 28.10 -16.27
CA LEU B 228 25.14 28.93 -17.44
C LEU B 228 26.22 29.96 -17.11
N SER B 229 27.33 29.86 -17.86
CA SER B 229 28.50 30.73 -17.68
C SER B 229 28.60 31.80 -18.78
N ASP B 230 28.01 31.51 -19.95
CA ASP B 230 28.07 32.39 -21.11
C ASP B 230 26.77 32.34 -21.90
N GLY B 231 26.55 33.37 -22.69
CA GLY B 231 25.33 33.48 -23.48
C GLY B 231 24.36 34.44 -22.80
N LYS B 232 23.30 33.88 -22.22
CA LYS B 232 22.33 34.67 -21.48
C LYS B 232 22.08 34.00 -20.11
N PRO B 233 23.10 34.00 -19.23
CA PRO B 233 23.05 33.26 -17.96
C PRO B 233 22.02 33.84 -17.02
N SER B 234 20.99 33.06 -16.79
CA SER B 234 19.79 33.50 -16.16
C SER B 234 19.34 32.25 -15.43
N GLY B 235 18.53 32.41 -14.39
CA GLY B 235 17.95 31.26 -13.74
C GLY B 235 16.88 30.72 -14.68
N LYS B 236 16.03 31.62 -15.16
CA LYS B 236 15.00 31.31 -16.15
C LYS B 236 15.53 30.55 -17.35
N ASN B 237 16.57 31.06 -17.99
CA ASN B 237 17.15 30.42 -19.15
C ASN B 237 17.75 29.06 -18.79
N ALA B 238 18.41 28.99 -17.63
CA ALA B 238 18.88 27.72 -17.11
C ALA B 238 17.69 26.78 -16.89
N GLU B 239 16.53 27.31 -16.45
CA GLU B 239 15.28 26.54 -16.32
C GLU B 239 14.72 26.09 -17.67
N LEU B 240 14.64 27.03 -18.63
CA LEU B 240 14.12 26.80 -20.00
C LEU B 240 14.87 25.67 -20.65
N ILE B 241 16.20 25.76 -20.63
CA ILE B 241 17.10 24.74 -21.15
C ILE B 241 16.95 23.41 -20.41
N SER B 242 16.82 23.46 -19.08
CA SER B 242 16.65 22.24 -18.29
C SER B 242 15.34 21.53 -18.67
N GLU B 243 14.36 22.29 -19.17
CA GLU B 243 13.02 21.74 -19.45
C GLU B 243 12.95 21.21 -20.86
N LYS B 244 13.35 22.04 -21.82
CA LYS B 244 13.62 21.57 -23.18
C LYS B 244 14.38 20.23 -23.20
N ILE B 245 15.42 20.11 -22.39
CA ILE B 245 16.28 18.92 -22.34
C ILE B 245 15.66 17.73 -21.68
N LEU B 246 14.96 17.94 -20.58
CA LEU B 246 14.29 16.81 -19.93
C LEU B 246 13.19 16.22 -20.80
N LYS B 247 12.51 17.09 -21.55
CA LYS B 247 11.52 16.72 -22.57
C LYS B 247 12.13 16.06 -23.83
N GLU B 248 13.26 16.58 -24.33
CA GLU B 248 13.90 15.92 -25.47
C GLU B 248 14.45 14.54 -25.09
N GLY B 250 13.21 12.48 -22.91
CA GLY B 250 12.10 11.56 -22.66
C GLY B 250 11.75 11.42 -21.19
N VAL B 251 12.20 12.37 -20.38
CA VAL B 251 11.91 12.36 -18.94
C VAL B 251 10.48 12.83 -18.62
N LEU B 252 9.78 13.44 -19.59
CA LEU B 252 8.42 13.92 -19.39
C LEU B 252 7.48 13.19 -20.35
#